data_5MML
#
_entry.id   5MML
#
_entity_poly.entity_id   1
_entity_poly.type   'polypeptide(L)'
_entity_poly.pdbx_seq_one_letter_code
;GILSSLWKKLKKIIAK(NH2)
;
_entity_poly.pdbx_strand_id   A
#
loop_
_chem_comp.id
_chem_comp.type
_chem_comp.name
_chem_comp.formula
NH2 non-polymer 'AMINO GROUP' 'H2 N'
#
# COMPACT_ATOMS: atom_id res chain seq x y z
N GLY A 1 5.12 10.72 -3.96
CA GLY A 1 6.00 10.05 -2.95
C GLY A 1 5.25 9.45 -1.76
N ILE A 2 4.62 10.33 -0.96
CA ILE A 2 3.89 9.89 0.23
C ILE A 2 2.69 9.01 -0.16
N LEU A 3 2.09 9.33 -1.30
CA LEU A 3 0.96 8.57 -1.81
C LEU A 3 1.39 7.11 -2.07
N SER A 4 2.65 6.89 -2.45
CA SER A 4 3.15 5.56 -2.75
C SER A 4 3.12 4.69 -1.49
N SER A 5 3.34 5.29 -0.34
CA SER A 5 3.25 4.54 0.90
C SER A 5 1.80 4.12 1.18
N LEU A 6 0.85 4.96 0.83
CA LEU A 6 -0.58 4.66 1.02
C LEU A 6 -0.97 3.58 0.05
N TRP A 7 -0.43 3.68 -1.15
CA TRP A 7 -0.71 2.70 -2.19
C TRP A 7 -0.18 1.34 -1.77
N LYS A 8 1.03 1.30 -1.23
CA LYS A 8 1.55 0.02 -0.79
C LYS A 8 0.81 -0.48 0.46
N LYS A 9 0.16 0.41 1.21
CA LYS A 9 -0.68 -0.05 2.31
C LYS A 9 -1.93 -0.77 1.83
N LEU A 10 -2.56 -0.32 0.77
CA LEU A 10 -3.73 -1.05 0.24
C LEU A 10 -3.24 -2.34 -0.46
N LYS A 11 -2.04 -2.28 -1.01
CA LYS A 11 -1.42 -3.45 -1.65
C LYS A 11 -1.13 -4.50 -0.58
N LYS A 12 -0.86 -4.03 0.65
CA LYS A 12 -0.57 -4.91 1.78
C LYS A 12 -1.75 -5.83 2.10
N ILE A 13 -2.96 -5.33 1.89
CA ILE A 13 -4.18 -6.10 2.17
C ILE A 13 -4.33 -7.20 1.12
N ILE A 14 -3.92 -6.90 -0.11
CA ILE A 14 -4.01 -7.86 -1.23
C ILE A 14 -2.94 -8.95 -1.01
N ALA A 15 -1.78 -8.52 -0.52
CA ALA A 15 -0.61 -9.40 -0.37
C ALA A 15 -0.62 -10.23 0.94
N LYS A 16 -1.81 -10.79 1.24
CA LYS A 16 -2.11 -11.67 2.42
C LYS A 16 -1.89 -11.05 3.81
N NH2 A 17 -3.10 -10.73 4.49
HN1 NH2 A 17 -3.17 -10.33 5.41
HN2 NH2 A 17 -3.91 -10.98 3.90
N GLY A 1 7.25 9.00 -3.73
CA GLY A 1 6.39 10.03 -3.10
C GLY A 1 5.50 9.54 -1.97
N ILE A 2 4.88 10.47 -1.23
CA ILE A 2 4.07 10.14 -0.05
C ILE A 2 2.91 9.20 -0.39
N LEU A 3 2.33 9.40 -1.56
CA LEU A 3 1.22 8.56 -2.02
C LEU A 3 1.60 7.09 -2.18
N SER A 4 2.87 6.81 -2.50
CA SER A 4 3.34 5.43 -2.67
C SER A 4 3.21 4.63 -1.36
N SER A 5 3.31 5.31 -0.23
CA SER A 5 3.15 4.65 1.06
C SER A 5 1.71 4.19 1.22
N LEU A 6 0.76 5.08 0.93
CA LEU A 6 -0.66 4.74 1.03
C LEU A 6 -0.99 3.61 0.06
N TRP A 7 -0.46 3.71 -1.16
CA TRP A 7 -0.74 2.73 -2.20
C TRP A 7 -0.24 1.34 -1.80
N LYS A 8 1.00 1.25 -1.35
CA LYS A 8 1.54 -0.06 -0.98
C LYS A 8 0.90 -0.61 0.29
N LYS A 9 0.32 0.25 1.11
CA LYS A 9 -0.42 -0.22 2.29
C LYS A 9 -1.69 -0.97 1.87
N LEU A 10 -2.35 -0.50 0.83
CA LEU A 10 -3.54 -1.20 0.31
C LEU A 10 -3.10 -2.53 -0.30
N LYS A 11 -1.97 -2.54 -1.00
CA LYS A 11 -1.41 -3.77 -1.57
C LYS A 11 -1.14 -4.80 -0.49
N LYS A 12 -0.71 -4.34 0.69
CA LYS A 12 -0.37 -5.25 1.78
C LYS A 12 -1.54 -6.13 2.18
N ILE A 13 -2.75 -5.60 2.09
CA ILE A 13 -3.96 -6.34 2.51
C ILE A 13 -4.27 -7.50 1.54
N ILE A 14 -3.92 -7.33 0.27
CA ILE A 14 -4.18 -8.32 -0.77
C ILE A 14 -3.42 -9.62 -0.46
N ALA A 15 -2.23 -9.48 0.12
CA ALA A 15 -1.38 -10.61 0.45
C ALA A 15 -1.30 -10.80 1.97
N LYS A 16 -2.49 -10.76 2.65
CA LYS A 16 -2.63 -10.92 4.12
C LYS A 16 -4.08 -11.30 4.55
N NH2 A 17 -4.57 -12.46 3.94
HN1 NH2 A 17 -5.46 -12.88 4.12
HN2 NH2 A 17 -3.87 -12.82 3.28
N GLY A 1 7.12 8.44 -2.48
CA GLY A 1 6.57 9.46 -1.54
C GLY A 1 5.44 8.94 -0.65
N ILE A 2 4.78 9.89 0.03
CA ILE A 2 3.69 9.56 0.96
C ILE A 2 2.56 8.85 0.20
N LEU A 3 2.28 9.32 -1.01
CA LEU A 3 1.24 8.69 -1.85
C LEU A 3 1.60 7.22 -2.13
N SER A 4 2.86 6.95 -2.42
CA SER A 4 3.29 5.58 -2.69
C SER A 4 3.14 4.71 -1.44
N SER A 5 3.34 5.31 -0.27
CA SER A 5 3.19 4.58 1.00
C SER A 5 1.74 4.17 1.19
N LEU A 6 0.79 5.05 0.91
CA LEU A 6 -0.64 4.70 1.01
C LEU A 6 -0.98 3.59 0.04
N TRP A 7 -0.45 3.70 -1.18
CA TRP A 7 -0.74 2.72 -2.21
C TRP A 7 -0.21 1.32 -1.84
N LYS A 8 1.03 1.22 -1.40
CA LYS A 8 1.57 -0.07 -0.99
C LYS A 8 0.86 -0.61 0.28
N LYS A 9 0.32 0.28 1.11
CA LYS A 9 -0.42 -0.17 2.29
C LYS A 9 -1.73 -0.82 1.88
N LEU A 10 -2.32 -0.42 0.75
CA LEU A 10 -3.55 -1.07 0.27
C LEU A 10 -3.20 -2.51 -0.15
N LYS A 11 -2.05 -2.65 -0.79
CA LYS A 11 -1.57 -3.96 -1.22
C LYS A 11 -1.11 -4.81 -0.05
N LYS A 12 -0.77 -4.20 1.07
CA LYS A 12 -0.42 -4.94 2.30
C LYS A 12 -1.61 -5.78 2.76
N ILE A 13 -2.82 -5.28 2.58
CA ILE A 13 -4.03 -6.01 2.98
C ILE A 13 -4.29 -7.16 2.00
N ILE A 14 -4.08 -6.89 0.71
CA ILE A 14 -4.28 -7.91 -0.32
C ILE A 14 -3.27 -9.05 -0.20
N ALA A 15 -2.04 -8.72 0.17
CA ALA A 15 -0.99 -9.72 0.39
C ALA A 15 -1.32 -10.60 1.60
N LYS A 16 -1.85 -9.92 2.64
CA LYS A 16 -2.32 -10.50 3.94
C LYS A 16 -1.15 -11.02 4.82
N NH2 A 17 -0.39 -9.97 5.41
HN1 NH2 A 17 0.31 -10.07 6.12
HN2 NH2 A 17 -0.68 -9.09 4.98
N GLY A 1 5.70 11.54 -2.44
CA GLY A 1 6.01 10.11 -2.18
C GLY A 1 5.14 9.48 -1.12
N ILE A 2 4.37 10.36 -0.50
CA ILE A 2 3.41 10.01 0.54
C ILE A 2 2.37 9.05 -0.05
N LEU A 3 1.98 9.33 -1.30
CA LEU A 3 0.98 8.56 -2.00
C LEU A 3 1.42 7.08 -2.14
N SER A 4 2.68 6.90 -2.50
CA SER A 4 3.28 5.58 -2.66
C SER A 4 3.17 4.73 -1.41
N SER A 5 3.31 5.38 -0.25
CA SER A 5 3.21 4.68 1.01
C SER A 5 1.77 4.20 1.22
N LEU A 6 0.80 5.05 0.84
CA LEU A 6 -0.61 4.71 1.06
C LEU A 6 -0.98 3.63 0.05
N TRP A 7 -0.43 3.72 -1.14
CA TRP A 7 -0.70 2.74 -2.20
C TRP A 7 -0.19 1.35 -1.80
N LYS A 8 1.04 1.22 -1.34
CA LYS A 8 1.55 -0.14 -1.02
C LYS A 8 0.76 -0.69 0.15
N LYS A 9 0.31 0.20 1.02
CA LYS A 9 -0.49 -0.18 2.19
C LYS A 9 -1.76 -0.89 1.74
N LEU A 10 -2.29 -0.54 0.59
CA LEU A 10 -3.49 -1.18 0.05
C LEU A 10 -3.23 -2.64 -0.33
N LYS A 11 -2.10 -2.91 -0.96
CA LYS A 11 -1.70 -4.26 -1.32
C LYS A 11 -1.41 -5.08 -0.11
N LYS A 12 -0.88 -4.44 0.94
CA LYS A 12 -0.58 -5.18 2.18
C LYS A 12 -1.89 -5.81 2.71
N ILE A 13 -3.03 -5.14 2.53
CA ILE A 13 -4.28 -5.70 3.04
C ILE A 13 -4.71 -6.94 2.22
N ILE A 14 -4.46 -6.88 0.94
CA ILE A 14 -4.80 -7.95 0.04
C ILE A 14 -3.87 -9.17 0.29
N ALA A 15 -2.60 -8.92 0.58
CA ALA A 15 -1.61 -9.99 0.73
C ALA A 15 -1.96 -10.98 1.84
N LYS A 16 -2.46 -10.38 2.97
CA LYS A 16 -2.80 -11.02 4.26
C LYS A 16 -3.74 -10.24 5.16
N NH2 A 17 -3.22 -8.99 5.68
HN1 NH2 A 17 -4.00 -8.60 6.18
HN2 NH2 A 17 -2.31 -8.61 5.57
N GLY A 1 6.06 11.38 -2.11
CA GLY A 1 6.11 9.88 -2.09
C GLY A 1 5.15 9.27 -1.09
N ILE A 2 4.40 10.18 -0.47
CA ILE A 2 3.41 9.85 0.56
C ILE A 2 2.33 8.96 -0.05
N LEU A 3 1.97 9.25 -1.30
CA LEU A 3 0.98 8.44 -2.01
C LEU A 3 1.47 7.01 -2.21
N SER A 4 2.76 6.83 -2.46
CA SER A 4 3.32 5.48 -2.65
C SER A 4 3.18 4.69 -1.37
N SER A 5 3.37 5.33 -0.22
CA SER A 5 3.21 4.67 1.06
C SER A 5 1.76 4.22 1.26
N LEU A 6 0.82 5.08 0.89
CA LEU A 6 -0.61 4.76 1.00
C LEU A 6 -0.97 3.62 0.05
N TRP A 7 -0.45 3.70 -1.16
CA TRP A 7 -0.74 2.71 -2.19
C TRP A 7 -0.23 1.34 -1.81
N LYS A 8 1.02 1.25 -1.38
CA LYS A 8 1.58 -0.03 -1.01
C LYS A 8 0.93 -0.57 0.26
N LYS A 9 0.43 0.31 1.11
CA LYS A 9 -0.33 -0.12 2.29
C LYS A 9 -1.60 -0.85 1.87
N LEU A 10 -2.25 -0.41 0.80
CA LEU A 10 -3.46 -1.07 0.32
C LEU A 10 -3.12 -2.47 -0.19
N LYS A 11 -1.98 -2.60 -0.84
CA LYS A 11 -1.59 -3.90 -1.41
C LYS A 11 -1.31 -4.95 -0.33
N LYS A 12 -1.02 -4.53 0.89
CA LYS A 12 -0.82 -5.49 1.99
C LYS A 12 -2.07 -6.32 2.22
N ILE A 13 -3.22 -5.69 2.04
CA ILE A 13 -4.52 -6.31 2.31
C ILE A 13 -4.80 -7.37 1.25
N ILE A 14 -4.30 -7.14 0.04
CA ILE A 14 -4.43 -8.10 -1.06
C ILE A 14 -3.68 -9.39 -0.70
N ALA A 15 -2.59 -9.26 0.05
CA ALA A 15 -1.80 -10.41 0.48
C ALA A 15 -2.47 -11.15 1.64
N LYS A 16 -3.04 -10.37 2.59
CA LYS A 16 -3.76 -10.83 3.82
C LYS A 16 -4.45 -9.66 4.54
N NH2 A 17 -5.81 -9.86 4.83
HN1 NH2 A 17 -6.17 -8.98 5.20
HN2 NH2 A 17 -6.33 -10.71 4.70
N GLY A 1 7.24 8.09 -2.36
CA GLY A 1 6.48 9.31 -1.99
C GLY A 1 5.37 9.05 -1.00
N ILE A 2 4.70 10.12 -0.57
CA ILE A 2 3.62 9.97 0.41
C ILE A 2 2.49 9.12 -0.18
N LEU A 3 2.25 9.34 -1.47
CA LEU A 3 1.23 8.55 -2.17
C LEU A 3 1.63 7.07 -2.24
N SER A 4 2.90 6.79 -2.51
CA SER A 4 3.34 5.40 -2.70
C SER A 4 3.21 4.64 -1.40
N SER A 5 3.33 5.32 -0.27
CA SER A 5 3.15 4.68 1.03
C SER A 5 1.70 4.17 1.19
N LEU A 6 0.74 5.04 0.92
CA LEU A 6 -0.67 4.68 1.05
C LEU A 6 -0.98 3.55 0.09
N TRP A 7 -0.50 3.70 -1.14
CA TRP A 7 -0.74 2.72 -2.19
C TRP A 7 -0.19 1.34 -1.85
N LYS A 8 1.03 1.29 -1.34
CA LYS A 8 1.61 0.00 -0.97
C LYS A 8 0.91 -0.53 0.25
N LYS A 9 0.42 0.33 1.13
CA LYS A 9 -0.28 -0.17 2.30
C LYS A 9 -1.55 -0.92 1.88
N LEU A 10 -2.32 -0.39 0.92
CA LEU A 10 -3.54 -1.09 0.48
C LEU A 10 -3.18 -2.36 -0.28
N LYS A 11 -2.02 -2.40 -0.92
CA LYS A 11 -1.54 -3.64 -1.55
C LYS A 11 -1.23 -4.70 -0.50
N LYS A 12 -0.70 -4.30 0.65
CA LYS A 12 -0.43 -5.23 1.74
C LYS A 12 -1.72 -5.89 2.29
N ILE A 13 -2.82 -5.16 2.22
CA ILE A 13 -4.09 -5.66 2.77
C ILE A 13 -4.58 -6.75 1.84
N ILE A 14 -4.40 -6.53 0.55
CA ILE A 14 -4.82 -7.49 -0.46
C ILE A 14 -3.99 -8.78 -0.36
N ALA A 15 -2.73 -8.62 -0.01
CA ALA A 15 -1.83 -9.77 0.11
C ALA A 15 -1.77 -10.30 1.54
N LYS A 16 -2.99 -10.48 2.12
CA LYS A 16 -3.21 -10.96 3.52
C LYS A 16 -4.57 -11.68 3.72
N NH2 A 17 -5.64 -11.24 2.92
HN1 NH2 A 17 -6.45 -11.84 3.12
HN2 NH2 A 17 -5.61 -10.48 2.28
N GLY A 1 5.89 9.39 -2.76
CA GLY A 1 5.88 9.96 -1.39
C GLY A 1 4.86 9.31 -0.46
N ILE A 2 4.03 10.17 0.17
CA ILE A 2 2.96 9.71 1.05
C ILE A 2 1.99 8.86 0.25
N LEU A 3 1.74 9.27 -0.98
CA LEU A 3 0.83 8.54 -1.87
C LEU A 3 1.36 7.14 -2.14
N SER A 4 2.66 6.99 -2.38
CA SER A 4 3.26 5.69 -2.66
C SER A 4 3.15 4.78 -1.45
N SER A 5 3.36 5.34 -0.26
CA SER A 5 3.25 4.57 0.97
C SER A 5 1.81 4.11 1.18
N LEU A 6 0.86 4.99 0.89
CA LEU A 6 -0.57 4.65 1.02
C LEU A 6 -0.95 3.59 0.02
N TRP A 7 -0.41 3.68 -1.19
CA TRP A 7 -0.71 2.71 -2.22
C TRP A 7 -0.23 1.33 -1.82
N LYS A 8 1.00 1.23 -1.34
CA LYS A 8 1.52 -0.07 -0.94
C LYS A 8 0.82 -0.57 0.32
N LYS A 9 0.31 0.33 1.14
CA LYS A 9 -0.49 -0.05 2.31
C LYS A 9 -1.78 -0.75 1.85
N LEU A 10 -2.38 -0.28 0.75
CA LEU A 10 -3.59 -0.91 0.23
C LEU A 10 -3.25 -2.32 -0.27
N LYS A 11 -2.08 -2.49 -0.89
CA LYS A 11 -1.69 -3.82 -1.39
C LYS A 11 -1.44 -4.76 -0.22
N LYS A 12 -0.95 -4.25 0.89
CA LYS A 12 -0.70 -5.09 2.07
C LYS A 12 -1.97 -5.79 2.60
N ILE A 13 -3.12 -5.16 2.42
CA ILE A 13 -4.39 -5.76 2.83
C ILE A 13 -4.62 -7.07 2.05
N ILE A 14 -4.19 -7.09 0.80
CA ILE A 14 -4.30 -8.27 -0.05
C ILE A 14 -3.17 -9.25 0.32
N ALA A 15 -1.99 -8.69 0.54
CA ALA A 15 -0.79 -9.46 0.85
C ALA A 15 -0.62 -9.74 2.36
N LYS A 16 -1.53 -10.61 2.87
CA LYS A 16 -1.56 -11.16 4.27
C LYS A 16 -1.93 -10.11 5.34
N NH2 A 17 -3.31 -9.74 5.34
HN1 NH2 A 17 -3.76 -9.21 6.05
HN2 NH2 A 17 -3.76 -10.11 4.50
N GLY A 1 6.88 8.48 -2.50
CA GLY A 1 6.04 9.58 -1.90
C GLY A 1 4.97 9.12 -0.87
N ILE A 2 4.26 10.06 -0.24
CA ILE A 2 3.25 9.72 0.82
C ILE A 2 2.10 8.94 0.18
N LEU A 3 1.93 9.11 -1.11
CA LEU A 3 0.94 8.37 -1.88
C LEU A 3 1.42 6.97 -2.19
N SER A 4 2.70 6.83 -2.46
CA SER A 4 3.28 5.49 -2.70
C SER A 4 3.21 4.66 -1.41
N SER A 5 3.44 5.31 -0.26
CA SER A 5 3.27 4.61 1.03
C SER A 5 1.83 4.13 1.16
N LEU A 6 0.85 5.06 0.96
CA LEU A 6 -0.63 4.76 1.01
C LEU A 6 -0.98 3.66 0.00
N TRP A 7 -0.45 3.71 -1.20
CA TRP A 7 -0.77 2.69 -2.20
C TRP A 7 -0.23 1.30 -1.79
N LYS A 8 1.00 1.26 -1.31
CA LYS A 8 1.59 -0.03 -0.93
C LYS A 8 0.92 -0.54 0.31
N LYS A 9 0.36 0.35 1.14
CA LYS A 9 -0.38 -0.10 2.33
C LYS A 9 -1.66 -0.79 1.89
N LEU A 10 -2.26 -0.35 0.80
CA LEU A 10 -3.49 -0.96 0.29
C LEU A 10 -3.04 -2.35 -0.24
N LYS A 11 -1.80 -2.47 -0.78
CA LYS A 11 -1.32 -3.74 -1.31
C LYS A 11 -1.09 -4.79 -0.24
N LYS A 12 -0.82 -4.39 0.99
CA LYS A 12 -0.63 -5.35 2.07
C LYS A 12 -1.93 -6.14 2.32
N ILE A 13 -3.09 -5.53 2.11
CA ILE A 13 -4.43 -6.19 2.25
C ILE A 13 -4.75 -7.05 1.03
N ILE A 14 -4.19 -6.64 -0.09
CA ILE A 14 -4.30 -7.45 -1.30
C ILE A 14 -3.55 -8.76 -1.09
N ALA A 15 -2.40 -8.64 -0.46
CA ALA A 15 -1.58 -9.82 -0.10
C ALA A 15 -2.29 -10.67 0.97
N LYS A 16 -2.63 -10.06 2.12
CA LYS A 16 -3.17 -10.73 3.31
C LYS A 16 -4.44 -10.18 3.88
N NH2 A 17 -5.50 -11.11 4.03
HN1 NH2 A 17 -6.33 -10.96 4.57
HN2 NH2 A 17 -5.26 -11.97 3.52
N GLY A 1 6.41 9.10 -2.91
CA GLY A 1 6.09 9.97 -1.74
C GLY A 1 5.09 9.37 -0.78
N ILE A 2 4.28 10.21 -0.11
CA ILE A 2 3.29 9.68 0.83
C ILE A 2 2.18 8.88 0.13
N LEU A 3 1.88 9.23 -1.13
CA LEU A 3 0.87 8.48 -1.89
C LEU A 3 1.40 7.07 -2.20
N SER A 4 2.71 6.96 -2.45
CA SER A 4 3.32 5.64 -2.67
C SER A 4 3.20 4.80 -1.40
N SER A 5 3.36 5.45 -0.26
CA SER A 5 3.23 4.76 1.03
C SER A 5 1.83 4.20 1.20
N LEU A 6 0.84 5.04 0.90
CA LEU A 6 -0.58 4.65 1.01
C LEU A 6 -0.92 3.56 0.03
N TRP A 7 -0.43 3.67 -1.19
CA TRP A 7 -0.73 2.68 -2.21
C TRP A 7 -0.22 1.28 -1.86
N LYS A 8 1.00 1.20 -1.31
CA LYS A 8 1.49 -0.12 -0.90
C LYS A 8 0.83 -0.60 0.38
N LYS A 9 0.33 0.33 1.20
CA LYS A 9 -0.43 -0.06 2.42
C LYS A 9 -1.75 -0.70 2.03
N LEU A 10 -2.45 -0.19 1.03
CA LEU A 10 -3.69 -0.84 0.59
C LEU A 10 -3.41 -2.13 -0.21
N LYS A 11 -2.30 -2.13 -0.94
CA LYS A 11 -1.85 -3.33 -1.66
C LYS A 11 -1.50 -4.43 -0.68
N LYS A 12 -0.98 -4.06 0.49
CA LYS A 12 -0.60 -5.01 1.52
C LYS A 12 -1.81 -5.75 2.07
N ILE A 13 -2.97 -5.12 2.10
CA ILE A 13 -4.17 -5.79 2.63
C ILE A 13 -4.48 -7.04 1.77
N ILE A 14 -4.24 -6.89 0.47
CA ILE A 14 -4.40 -7.98 -0.50
C ILE A 14 -3.23 -8.96 -0.38
N ALA A 15 -2.03 -8.44 -0.16
CA ALA A 15 -0.82 -9.26 -0.17
C ALA A 15 -0.08 -9.31 1.20
N LYS A 16 -0.86 -9.64 2.26
CA LYS A 16 -0.36 -9.92 3.67
C LYS A 16 0.33 -8.75 4.41
N NH2 A 17 -0.53 -8.03 5.29
HN1 NH2 A 17 -0.25 -7.26 5.87
HN2 NH2 A 17 -1.47 -8.43 5.23
N GLY A 1 6.36 11.52 -2.04
CA GLY A 1 6.50 10.04 -1.93
C GLY A 1 5.44 9.41 -1.09
N ILE A 2 4.62 10.28 -0.50
CA ILE A 2 3.56 9.91 0.46
C ILE A 2 2.45 9.14 -0.18
N LEU A 3 2.20 9.36 -1.45
CA LEU A 3 1.08 8.64 -2.11
C LEU A 3 1.46 7.17 -2.31
N SER A 4 2.74 6.92 -2.59
CA SER A 4 3.17 5.56 -2.75
C SER A 4 3.10 4.80 -1.44
N SER A 5 3.34 5.45 -0.34
CA SER A 5 3.25 4.83 1.01
C SER A 5 1.80 4.30 1.29
N LEU A 6 0.81 5.07 0.84
CA LEU A 6 -0.60 4.69 1.03
C LEU A 6 -0.98 3.56 0.06
N TRP A 7 -0.44 3.66 -1.15
CA TRP A 7 -0.71 2.67 -2.17
C TRP A 7 -0.19 1.27 -1.81
N LYS A 8 1.01 1.21 -1.28
CA LYS A 8 1.57 -0.04 -0.85
C LYS A 8 0.85 -0.61 0.39
N LYS A 9 0.32 0.26 1.22
CA LYS A 9 -0.45 -0.14 2.40
C LYS A 9 -1.73 -0.85 1.98
N LEU A 10 -2.44 -0.30 1.00
CA LEU A 10 -3.68 -0.93 0.51
C LEU A 10 -3.31 -2.14 -0.37
N LYS A 11 -2.13 -2.19 -0.96
CA LYS A 11 -1.76 -3.36 -1.71
C LYS A 11 -1.58 -4.55 -0.80
N LYS A 12 -1.09 -4.30 0.41
CA LYS A 12 -0.87 -5.36 1.41
C LYS A 12 -2.20 -6.06 1.71
N ILE A 13 -3.32 -5.34 1.69
CA ILE A 13 -4.64 -5.96 1.95
C ILE A 13 -4.92 -7.05 0.87
N ILE A 14 -4.43 -6.88 -0.34
CA ILE A 14 -4.68 -7.87 -1.39
C ILE A 14 -3.65 -9.01 -1.26
N ALA A 15 -2.43 -8.58 -0.98
CA ALA A 15 -1.26 -9.46 -0.81
C ALA A 15 -1.21 -10.12 0.63
N LYS A 16 -1.98 -11.15 0.82
CA LYS A 16 -2.10 -12.01 2.08
C LYS A 16 -3.13 -11.28 3.02
N NH2 A 17 -4.43 -11.26 2.46
HN1 NH2 A 17 -5.26 -11.05 2.99
HN2 NH2 A 17 -4.43 -11.49 1.48
N GLY A 1 6.98 8.17 -2.88
CA GLY A 1 6.38 9.28 -2.11
C GLY A 1 5.36 8.88 -1.05
N ILE A 2 4.67 9.90 -0.49
CA ILE A 2 3.68 9.66 0.55
C ILE A 2 2.45 8.94 -0.03
N LEU A 3 2.16 9.19 -1.30
CA LEU A 3 1.02 8.53 -1.95
C LEU A 3 1.39 7.08 -2.18
N SER A 4 2.62 6.86 -2.60
CA SER A 4 3.13 5.48 -2.80
C SER A 4 3.08 4.66 -1.52
N SER A 5 3.26 5.32 -0.39
CA SER A 5 3.23 4.64 0.91
C SER A 5 1.80 4.20 1.22
N LEU A 6 0.82 5.03 0.86
CA LEU A 6 -0.58 4.68 1.04
C LEU A 6 -0.96 3.58 0.06
N TRP A 7 -0.44 3.68 -1.16
CA TRP A 7 -0.71 2.70 -2.18
C TRP A 7 -0.14 1.33 -1.79
N LYS A 8 1.06 1.30 -1.23
CA LYS A 8 1.63 0.03 -0.79
C LYS A 8 0.92 -0.51 0.46
N LYS A 9 0.26 0.37 1.22
CA LYS A 9 -0.57 -0.07 2.34
C LYS A 9 -1.80 -0.80 1.81
N LEU A 10 -2.49 -0.25 0.81
CA LEU A 10 -3.67 -0.93 0.25
C LEU A 10 -3.27 -2.21 -0.48
N LYS A 11 -2.07 -2.24 -1.05
CA LYS A 11 -1.60 -3.45 -1.73
C LYS A 11 -1.45 -4.59 -0.73
N LYS A 12 -1.03 -4.31 0.49
CA LYS A 12 -0.83 -5.35 1.51
C LYS A 12 -2.12 -6.09 1.86
N ILE A 13 -3.24 -5.41 1.80
CA ILE A 13 -4.54 -6.03 2.09
C ILE A 13 -4.83 -7.14 1.09
N ILE A 14 -4.39 -6.94 -0.14
CA ILE A 14 -4.56 -7.94 -1.20
C ILE A 14 -3.43 -8.98 -1.13
N ALA A 15 -2.22 -8.50 -0.87
CA ALA A 15 -1.03 -9.35 -0.83
C ALA A 15 -0.70 -9.77 0.61
N LYS A 16 -1.58 -10.66 1.13
CA LYS A 16 -1.55 -11.32 2.47
C LYS A 16 -2.08 -10.42 3.62
N NH2 A 17 -3.45 -10.58 3.88
HN1 NH2 A 17 -3.95 -10.20 4.65
HN2 NH2 A 17 -3.87 -11.16 3.14
N GLY A 1 7.20 8.90 -1.86
CA GLY A 1 6.48 9.72 -0.84
C GLY A 1 5.20 9.13 -0.31
N ILE A 2 4.34 9.98 0.31
CA ILE A 2 3.14 9.49 1.03
C ILE A 2 2.09 8.85 0.12
N LEU A 3 2.02 9.24 -1.15
CA LEU A 3 1.06 8.58 -2.05
C LEU A 3 1.50 7.14 -2.25
N SER A 4 2.80 6.97 -2.43
CA SER A 4 3.36 5.66 -2.71
C SER A 4 3.18 4.75 -1.51
N SER A 5 3.40 5.30 -0.32
CA SER A 5 3.24 4.55 0.95
C SER A 5 1.78 4.11 1.12
N LEU A 6 0.82 5.00 0.86
CA LEU A 6 -0.58 4.69 1.01
C LEU A 6 -0.99 3.61 0.02
N TRP A 7 -0.43 3.70 -1.19
CA TRP A 7 -0.73 2.73 -2.21
C TRP A 7 -0.25 1.36 -1.82
N LYS A 8 0.97 1.24 -1.28
CA LYS A 8 1.44 -0.06 -0.84
C LYS A 8 0.80 -0.54 0.49
N LYS A 9 0.26 0.39 1.31
CA LYS A 9 -0.50 -0.01 2.50
C LYS A 9 -1.70 -0.85 2.06
N LEU A 10 -2.32 -0.48 0.94
CA LEU A 10 -3.49 -1.22 0.42
C LEU A 10 -3.05 -2.54 -0.19
N LYS A 11 -1.94 -2.54 -0.93
CA LYS A 11 -1.35 -3.76 -1.55
C LYS A 11 -0.98 -4.83 -0.51
N LYS A 12 -0.69 -4.41 0.70
CA LYS A 12 -0.39 -5.38 1.78
C LYS A 12 -1.59 -6.31 2.10
N ILE A 13 -2.81 -5.77 2.06
CA ILE A 13 -4.03 -6.55 2.40
C ILE A 13 -4.32 -7.57 1.31
N ILE A 14 -4.04 -7.22 0.07
CA ILE A 14 -4.26 -8.08 -1.10
C ILE A 14 -3.31 -9.31 -1.06
N ALA A 15 -2.16 -9.19 -0.40
CA ALA A 15 -1.18 -10.25 -0.34
C ALA A 15 -1.50 -11.19 0.86
N LYS A 16 -2.55 -11.97 0.67
CA LYS A 16 -3.11 -13.01 1.59
C LYS A 16 -4.14 -12.40 2.57
N NH2 A 17 -5.45 -12.40 2.10
HN1 NH2 A 17 -5.99 -11.85 2.78
HN2 NH2 A 17 -5.80 -12.86 1.28
N GLY A 1 6.65 8.94 -2.71
CA GLY A 1 6.08 9.82 -1.60
C GLY A 1 5.01 9.21 -0.72
N ILE A 2 4.29 10.09 -0.04
CA ILE A 2 3.18 9.62 0.84
C ILE A 2 2.11 8.88 0.03
N LEU A 3 1.96 9.22 -1.26
CA LEU A 3 0.87 8.67 -2.02
C LEU A 3 1.31 7.22 -2.27
N SER A 4 2.59 6.97 -2.57
CA SER A 4 3.08 5.63 -2.83
C SER A 4 3.11 4.78 -1.57
N SER A 5 3.28 5.43 -0.43
CA SER A 5 3.27 4.77 0.87
C SER A 5 1.86 4.23 1.10
N LEU A 6 0.87 5.04 0.81
CA LEU A 6 -0.53 4.65 1.02
C LEU A 6 -0.90 3.53 0.07
N TRP A 7 -0.41 3.68 -1.14
CA TRP A 7 -0.66 2.71 -2.18
C TRP A 7 -0.17 1.30 -1.78
N LYS A 8 1.02 1.23 -1.16
CA LYS A 8 1.53 -0.05 -0.70
C LYS A 8 0.80 -0.61 0.51
N LYS A 9 0.24 0.24 1.34
CA LYS A 9 -0.63 -0.22 2.43
C LYS A 9 -1.89 -0.90 1.82
N LEU A 10 -2.42 -0.40 0.69
CA LEU A 10 -3.62 -1.05 0.11
C LEU A 10 -3.21 -2.42 -0.44
N LYS A 11 -2.00 -2.52 -0.93
CA LYS A 11 -1.50 -3.80 -1.43
C LYS A 11 -1.43 -4.92 -0.35
N LYS A 12 -1.25 -4.55 0.90
CA LYS A 12 -1.26 -5.50 1.98
C LYS A 12 -2.57 -6.29 1.90
N ILE A 13 -3.65 -5.58 1.61
CA ILE A 13 -5.02 -6.17 1.67
C ILE A 13 -5.18 -7.16 0.51
N ILE A 14 -4.56 -6.82 -0.62
CA ILE A 14 -4.57 -7.65 -1.87
C ILE A 14 -3.53 -8.76 -1.89
N ALA A 15 -2.72 -8.86 -0.85
CA ALA A 15 -1.77 -9.96 -0.75
C ALA A 15 -1.85 -10.59 0.67
N LYS A 16 -3.06 -11.11 0.92
CA LYS A 16 -3.46 -11.84 2.21
C LYS A 16 -3.53 -10.90 3.42
N NH2 A 17 -4.80 -10.24 3.56
HN1 NH2 A 17 -5.02 -9.60 4.30
HN2 NH2 A 17 -5.47 -10.50 2.82
N GLY A 1 5.61 9.95 -2.97
CA GLY A 1 6.19 9.32 -1.75
C GLY A 1 5.17 8.94 -0.68
N ILE A 2 4.41 9.96 -0.23
CA ILE A 2 3.30 9.75 0.71
C ILE A 2 2.24 8.91 -0.01
N LEU A 3 2.02 9.24 -1.27
CA LEU A 3 1.08 8.52 -2.12
C LEU A 3 1.55 7.07 -2.31
N SER A 4 2.85 6.88 -2.51
CA SER A 4 3.39 5.54 -2.72
C SER A 4 3.22 4.68 -1.45
N SER A 5 3.42 5.29 -0.30
CA SER A 5 3.24 4.58 0.96
C SER A 5 1.79 4.15 1.10
N LEU A 6 0.87 5.08 0.89
CA LEU A 6 -0.56 4.77 1.01
C LEU A 6 -0.96 3.66 0.03
N TRP A 7 -0.44 3.73 -1.17
CA TRP A 7 -0.74 2.75 -2.19
C TRP A 7 -0.29 1.37 -1.75
N LYS A 8 0.92 1.26 -1.22
CA LYS A 8 1.44 -0.05 -0.82
C LYS A 8 0.73 -0.60 0.43
N LYS A 9 0.11 0.25 1.24
CA LYS A 9 -0.67 -0.25 2.39
C LYS A 9 -1.78 -1.16 1.89
N LEU A 10 -2.49 -0.73 0.87
CA LEU A 10 -3.57 -1.55 0.30
C LEU A 10 -3.01 -2.83 -0.34
N LYS A 11 -1.80 -2.73 -0.90
CA LYS A 11 -1.18 -3.88 -1.55
C LYS A 11 -0.84 -4.97 -0.54
N LYS A 12 -0.54 -4.58 0.69
CA LYS A 12 -0.25 -5.56 1.76
C LYS A 12 -1.46 -6.43 2.05
N ILE A 13 -2.65 -5.87 1.94
CA ILE A 13 -3.89 -6.61 2.24
C ILE A 13 -4.05 -7.78 1.26
N ILE A 14 -3.62 -7.56 0.04
CA ILE A 14 -3.69 -8.58 -1.01
C ILE A 14 -2.62 -9.66 -0.76
N ALA A 15 -1.49 -9.22 -0.20
CA ALA A 15 -0.35 -10.10 0.06
C ALA A 15 -0.50 -10.98 1.31
N LYS A 16 -1.16 -10.46 2.38
CA LYS A 16 -1.29 -11.13 3.72
C LYS A 16 -2.54 -10.71 4.50
N NH2 A 17 -2.65 -9.34 4.81
HN1 NH2 A 17 -3.55 -9.21 5.28
HN2 NH2 A 17 -1.98 -8.64 4.61
N GLY A 1 7.06 8.32 -2.45
CA GLY A 1 6.24 9.35 -1.74
C GLY A 1 5.10 8.92 -0.77
N ILE A 2 4.43 9.96 -0.28
CA ILE A 2 3.26 9.84 0.64
C ILE A 2 2.21 9.00 -0.01
N LEU A 3 1.94 9.28 -1.30
CA LEU A 3 0.98 8.49 -2.05
C LEU A 3 1.43 7.08 -2.25
N SER A 4 2.67 6.90 -2.62
CA SER A 4 3.20 5.57 -2.86
C SER A 4 3.13 4.79 -1.58
N SER A 5 3.24 5.46 -0.44
CA SER A 5 3.20 4.75 0.87
C SER A 5 1.80 4.25 1.11
N LEU A 6 0.84 5.15 0.91
CA LEU A 6 -0.57 4.81 1.02
C LEU A 6 -0.92 3.62 0.08
N TRP A 7 -0.39 3.67 -1.13
CA TRP A 7 -0.67 2.67 -2.16
C TRP A 7 -0.18 1.28 -1.75
N LYS A 8 0.99 1.19 -1.15
CA LYS A 8 1.52 -0.11 -0.78
C LYS A 8 0.71 -0.67 0.40
N LYS A 9 0.20 0.20 1.26
CA LYS A 9 -0.66 -0.24 2.39
C LYS A 9 -1.92 -0.96 1.86
N LEU A 10 -2.57 -0.41 0.86
CA LEU A 10 -3.80 -1.03 0.31
C LEU A 10 -3.44 -2.28 -0.46
N LYS A 11 -2.22 -2.31 -1.02
CA LYS A 11 -1.74 -3.45 -1.78
C LYS A 11 -1.47 -4.65 -0.93
N LYS A 12 -0.86 -4.40 0.26
CA LYS A 12 -0.52 -5.46 1.19
C LYS A 12 -1.73 -6.28 1.62
N ILE A 13 -2.91 -5.67 1.67
CA ILE A 13 -4.14 -6.38 2.08
C ILE A 13 -4.42 -7.50 1.09
N ILE A 14 -4.23 -7.20 -0.20
CA ILE A 14 -4.48 -8.19 -1.26
C ILE A 14 -3.35 -9.19 -1.28
N ALA A 15 -2.14 -8.71 -1.06
CA ALA A 15 -0.96 -9.55 -1.17
C ALA A 15 -0.52 -10.08 0.17
N LYS A 16 -1.50 -10.65 0.90
CA LYS A 16 -1.37 -11.39 2.19
C LYS A 16 -0.98 -10.48 3.40
N NH2 A 17 -2.10 -9.99 4.12
HN1 NH2 A 17 -1.79 -9.35 4.82
HN2 NH2 A 17 -3.05 -10.25 3.94
N GLY A 1 7.33 8.39 -1.55
CA GLY A 1 6.41 9.48 -1.11
C GLY A 1 5.21 9.01 -0.29
N ILE A 2 4.44 10.00 0.20
CA ILE A 2 3.28 9.73 1.04
C ILE A 2 2.25 8.91 0.27
N LEU A 3 1.98 9.30 -0.97
CA LEU A 3 1.02 8.60 -1.81
C LEU A 3 1.47 7.16 -2.10
N SER A 4 2.75 6.98 -2.37
CA SER A 4 3.30 5.66 -2.66
C SER A 4 3.19 4.73 -1.45
N SER A 5 3.35 5.30 -0.27
CA SER A 5 3.23 4.54 0.96
C SER A 5 1.78 4.15 1.20
N LEU A 6 0.87 5.04 0.87
CA LEU A 6 -0.56 4.78 0.99
C LEU A 6 -0.96 3.67 0.01
N TRP A 7 -0.42 3.72 -1.20
CA TRP A 7 -0.73 2.72 -2.21
C TRP A 7 -0.27 1.33 -1.79
N LYS A 8 0.96 1.20 -1.34
CA LYS A 8 1.47 -0.11 -0.92
C LYS A 8 0.79 -0.62 0.34
N LYS A 9 0.22 0.28 1.13
CA LYS A 9 -0.55 -0.11 2.31
C LYS A 9 -1.75 -0.96 1.92
N LEU A 10 -2.39 -0.65 0.81
CA LEU A 10 -3.53 -1.43 0.36
C LEU A 10 -3.07 -2.81 -0.10
N LYS A 11 -1.91 -2.90 -0.74
CA LYS A 11 -1.39 -4.18 -1.24
C LYS A 11 -1.09 -5.15 -0.11
N LYS A 12 -0.74 -4.62 1.05
CA LYS A 12 -0.46 -5.47 2.22
C LYS A 12 -1.66 -6.35 2.53
N ILE A 13 -2.86 -5.78 2.42
CA ILE A 13 -4.10 -6.51 2.71
C ILE A 13 -4.32 -7.63 1.70
N ILE A 14 -3.98 -7.35 0.45
CA ILE A 14 -4.14 -8.33 -0.62
C ILE A 14 -3.12 -9.47 -0.45
N ALA A 15 -1.92 -9.12 -0.03
CA ALA A 15 -0.82 -10.07 0.12
C ALA A 15 -1.06 -11.06 1.27
N LYS A 16 -1.59 -10.53 2.39
CA LYS A 16 -1.90 -11.21 3.67
C LYS A 16 -0.63 -11.36 4.52
N NH2 A 17 -0.35 -10.21 5.30
HN1 NH2 A 17 0.55 -10.39 5.75
HN2 NH2 A 17 -0.91 -9.39 5.38
N GLY A 1 6.77 10.34 -2.90
CA GLY A 1 6.83 9.03 -2.18
C GLY A 1 5.73 8.86 -1.14
N ILE A 2 5.14 10.00 -0.81
CA ILE A 2 4.08 10.08 0.20
C ILE A 2 2.87 9.25 -0.25
N LEU A 3 2.50 9.40 -1.52
CA LEU A 3 1.36 8.66 -2.07
C LEU A 3 1.68 7.17 -2.21
N SER A 4 2.93 6.86 -2.49
CA SER A 4 3.36 5.49 -2.71
C SER A 4 3.06 4.62 -1.52
N SER A 5 3.31 5.13 -0.33
CA SER A 5 3.16 4.30 0.84
C SER A 5 1.69 4.09 1.23
N LEU A 6 0.81 5.01 0.84
CA LEU A 6 -0.63 4.79 1.00
C LEU A 6 -1.04 3.66 0.05
N TRP A 7 -0.49 3.71 -1.15
CA TRP A 7 -0.76 2.71 -2.17
C TRP A 7 -0.21 1.34 -1.76
N LYS A 8 0.98 1.32 -1.19
CA LYS A 8 1.59 0.05 -0.78
C LYS A 8 0.87 -0.51 0.44
N LYS A 9 0.28 0.35 1.25
CA LYS A 9 -0.53 -0.11 2.38
C LYS A 9 -1.71 -0.93 1.86
N LEU A 10 -2.42 -0.42 0.88
CA LEU A 10 -3.56 -1.18 0.32
C LEU A 10 -3.09 -2.40 -0.47
N LYS A 11 -1.92 -2.31 -1.08
CA LYS A 11 -1.38 -3.46 -1.81
C LYS A 11 -0.96 -4.57 -0.85
N LYS A 12 -0.51 -4.21 0.34
CA LYS A 12 -0.11 -5.21 1.34
C LYS A 12 -1.30 -6.05 1.77
N ILE A 13 -2.50 -5.49 1.78
CA ILE A 13 -3.69 -6.26 2.17
C ILE A 13 -3.80 -7.51 1.29
N ILE A 14 -3.46 -7.37 0.01
CA ILE A 14 -3.49 -8.50 -0.93
C ILE A 14 -2.24 -9.39 -0.77
N ALA A 15 -1.10 -8.77 -0.49
CA ALA A 15 0.18 -9.47 -0.39
C ALA A 15 0.34 -10.30 0.90
N LYS A 16 -0.41 -9.89 1.94
CA LYS A 16 -0.43 -10.41 3.35
C LYS A 16 0.64 -9.74 4.24
N NH2 A 17 0.12 -8.83 5.19
HN1 NH2 A 17 0.65 -8.29 5.85
HN2 NH2 A 17 -0.90 -8.79 5.09
N GLY A 1 7.17 9.28 -3.09
CA GLY A 1 6.20 10.16 -2.39
C GLY A 1 5.31 9.50 -1.35
N ILE A 2 4.58 10.34 -0.60
CA ILE A 2 3.70 9.88 0.46
C ILE A 2 2.53 9.04 -0.09
N LEU A 3 2.20 9.27 -1.34
CA LEU A 3 1.09 8.53 -1.98
C LEU A 3 1.51 7.10 -2.20
N SER A 4 2.78 6.88 -2.49
CA SER A 4 3.29 5.56 -2.71
C SER A 4 3.21 4.71 -1.45
N SER A 5 3.38 5.36 -0.30
CA SER A 5 3.27 4.68 0.99
C SER A 5 1.81 4.28 1.24
N LEU A 6 0.89 5.14 0.86
CA LEU A 6 -0.53 4.83 0.99
C LEU A 6 -0.90 3.70 0.04
N TRP A 7 -0.43 3.74 -1.19
CA TRP A 7 -0.73 2.72 -2.16
C TRP A 7 -0.29 1.34 -1.67
N LYS A 8 0.95 1.19 -1.23
CA LYS A 8 1.46 -0.14 -0.87
C LYS A 8 0.70 -0.75 0.32
N LYS A 9 0.06 0.05 1.15
CA LYS A 9 -0.75 -0.51 2.24
C LYS A 9 -1.97 -1.21 1.69
N LEU A 10 -2.47 -0.78 0.54
CA LEU A 10 -3.61 -1.50 -0.09
C LEU A 10 -3.12 -2.87 -0.58
N LYS A 11 -1.92 -2.91 -1.12
CA LYS A 11 -1.34 -4.18 -1.65
C LYS A 11 -1.04 -5.15 -0.51
N LYS A 12 -0.73 -4.61 0.66
CA LYS A 12 -0.44 -5.44 1.86
C LYS A 12 -1.60 -6.33 2.25
N ILE A 13 -2.83 -5.87 1.97
CA ILE A 13 -4.03 -6.66 2.29
C ILE A 13 -4.03 -7.95 1.45
N ILE A 14 -3.58 -7.82 0.23
CA ILE A 14 -3.55 -8.94 -0.71
C ILE A 14 -2.36 -9.87 -0.39
N ALA A 15 -1.24 -9.29 0.01
CA ALA A 15 -0.04 -10.05 0.35
C ALA A 15 -0.04 -10.53 1.80
N LYS A 16 -0.89 -11.53 2.11
CA LYS A 16 -1.03 -12.15 3.45
C LYS A 16 -1.04 -13.69 3.41
N NH2 A 17 -2.11 -14.31 2.71
HN1 NH2 A 17 -2.25 -15.30 2.64
HN2 NH2 A 17 -2.71 -13.58 2.30
N GLY A 1 7.16 10.18 -2.66
CA GLY A 1 5.88 10.76 -2.15
C GLY A 1 5.07 9.84 -1.21
N ILE A 2 4.31 10.47 -0.30
CA ILE A 2 3.53 9.73 0.69
C ILE A 2 2.42 8.88 0.03
N LEU A 3 2.05 9.23 -1.18
CA LEU A 3 1.03 8.48 -1.93
C LEU A 3 1.51 7.06 -2.18
N SER A 4 2.80 6.88 -2.41
CA SER A 4 3.34 5.55 -2.66
C SER A 4 3.21 4.65 -1.43
N SER A 5 3.33 5.25 -0.25
CA SER A 5 3.19 4.50 0.99
C SER A 5 1.74 4.11 1.21
N LEU A 6 0.83 5.03 0.87
CA LEU A 6 -0.61 4.77 0.99
C LEU A 6 -1.00 3.65 0.02
N TRP A 7 -0.43 3.71 -1.17
CA TRP A 7 -0.73 2.74 -2.20
C TRP A 7 -0.24 1.35 -1.79
N LYS A 8 1.01 1.24 -1.33
CA LYS A 8 1.51 -0.07 -0.91
C LYS A 8 0.82 -0.57 0.35
N LYS A 9 0.23 0.34 1.15
CA LYS A 9 -0.52 -0.08 2.33
C LYS A 9 -1.69 -0.96 1.94
N LEU A 10 -2.45 -0.56 0.92
CA LEU A 10 -3.59 -1.36 0.47
C LEU A 10 -3.12 -2.66 -0.16
N LYS A 11 -2.02 -2.62 -0.91
CA LYS A 11 -1.49 -3.79 -1.58
C LYS A 11 -1.06 -4.87 -0.58
N LYS A 12 -0.59 -4.44 0.59
CA LYS A 12 -0.18 -5.37 1.64
C LYS A 12 -1.37 -6.15 2.21
N ILE A 13 -2.53 -5.53 2.27
CA ILE A 13 -3.72 -6.18 2.84
C ILE A 13 -4.18 -7.30 1.89
N ILE A 14 -4.06 -7.06 0.60
CA ILE A 14 -4.42 -8.04 -0.41
C ILE A 14 -3.46 -9.24 -0.39
N ALA A 15 -2.21 -8.97 -0.04
CA ALA A 15 -1.16 -10.00 -0.12
C ALA A 15 -1.36 -11.22 0.79
N LYS A 16 -1.81 -10.97 2.05
CA LYS A 16 -2.06 -11.99 3.15
C LYS A 16 -2.46 -11.39 4.51
N NH2 A 17 -1.85 -10.14 4.84
HN1 NH2 A 17 -1.97 -9.66 5.71
HN2 NH2 A 17 -1.28 -9.83 4.05
N GLY A 1 6.03 11.38 -1.31
CA GLY A 1 6.06 9.86 -1.30
C GLY A 1 5.03 9.26 -0.33
N ILE A 2 4.14 10.18 0.08
CA ILE A 2 3.02 9.86 0.96
C ILE A 2 2.05 8.97 0.19
N LEU A 3 1.72 9.38 -1.03
CA LEU A 3 0.78 8.62 -1.85
C LEU A 3 1.28 7.20 -2.12
N SER A 4 2.55 7.06 -2.42
CA SER A 4 3.16 5.80 -2.68
C SER A 4 3.14 4.91 -1.49
N SER A 5 3.26 5.48 -0.31
CA SER A 5 3.22 4.66 0.90
C SER A 5 1.80 4.14 1.14
N LEU A 6 0.82 4.99 0.89
CA LEU A 6 -0.58 4.62 1.06
C LEU A 6 -0.97 3.55 0.04
N TRP A 7 -0.40 3.66 -1.15
CA TRP A 7 -0.65 2.68 -2.22
C TRP A 7 -0.15 1.28 -1.84
N LYS A 8 1.05 1.18 -1.31
CA LYS A 8 1.60 -0.13 -0.93
C LYS A 8 0.81 -0.67 0.30
N LYS A 9 0.38 0.24 1.16
CA LYS A 9 -0.44 -0.15 2.33
C LYS A 9 -1.79 -0.75 1.88
N LEU A 10 -2.37 -0.24 0.81
CA LEU A 10 -3.61 -0.80 0.30
C LEU A 10 -3.36 -2.21 -0.23
N LYS A 11 -2.23 -2.40 -0.89
CA LYS A 11 -1.86 -3.72 -1.41
C LYS A 11 -1.63 -4.72 -0.27
N LYS A 12 -1.09 -4.23 0.83
CA LYS A 12 -0.90 -5.06 2.03
C LYS A 12 -2.24 -5.51 2.59
N ILE A 13 -3.24 -4.62 2.59
CA ILE A 13 -4.56 -4.92 3.14
C ILE A 13 -5.22 -6.03 2.36
N ILE A 14 -5.01 -6.04 1.05
CA ILE A 14 -5.57 -7.11 0.20
C ILE A 14 -4.81 -8.43 0.42
N ALA A 15 -3.50 -8.30 0.66
CA ALA A 15 -2.64 -9.48 0.76
C ALA A 15 -2.77 -10.24 2.09
N LYS A 16 -2.63 -9.52 3.22
CA LYS A 16 -2.67 -10.04 4.62
C LYS A 16 -2.61 -8.94 5.68
N NH2 A 17 -1.38 -8.23 5.78
HN1 NH2 A 17 -1.51 -7.50 6.48
HN2 NH2 A 17 -0.54 -8.40 5.25
N GLY A 1 6.55 10.96 -2.17
CA GLY A 1 6.54 9.49 -2.15
C GLY A 1 5.57 8.96 -1.09
N ILE A 2 4.88 9.96 -0.48
CA ILE A 2 3.89 9.77 0.58
C ILE A 2 2.68 9.02 -0.06
N LEU A 3 2.35 9.39 -1.28
CA LEU A 3 1.33 8.67 -2.04
C LEU A 3 1.67 7.16 -2.20
N SER A 4 2.95 6.88 -2.45
CA SER A 4 3.43 5.51 -2.71
C SER A 4 3.19 4.68 -1.47
N SER A 5 3.33 5.25 -0.29
CA SER A 5 3.11 4.46 0.88
C SER A 5 1.68 4.13 1.12
N LEU A 6 0.73 5.03 0.91
CA LEU A 6 -0.68 4.66 1.03
C LEU A 6 -1.11 3.59 0.00
N TRP A 7 -0.51 3.70 -1.18
CA TRP A 7 -0.71 2.76 -2.23
C TRP A 7 -0.19 1.36 -1.82
N LYS A 8 1.01 1.32 -1.30
CA LYS A 8 1.59 0.03 -0.89
C LYS A 8 0.98 -0.56 0.38
N LYS A 9 0.46 0.30 1.24
CA LYS A 9 -0.14 -0.13 2.49
C LYS A 9 -1.39 -0.95 2.19
N LEU A 10 -2.21 -0.52 1.25
CA LEU A 10 -3.43 -1.24 0.94
C LEU A 10 -3.07 -2.49 0.16
N LYS A 11 -1.91 -2.49 -0.44
CA LYS A 11 -1.48 -3.66 -1.24
C LYS A 11 -1.24 -4.83 -0.31
N LYS A 12 -0.82 -4.57 0.92
CA LYS A 12 -0.69 -5.63 1.92
C LYS A 12 -1.99 -6.36 2.23
N ILE A 13 -3.11 -5.65 2.16
CA ILE A 13 -4.43 -6.27 2.46
C ILE A 13 -4.78 -7.17 1.27
N ILE A 14 -4.34 -6.82 0.07
CA ILE A 14 -4.63 -7.67 -1.06
C ILE A 14 -3.75 -8.90 -1.11
N ALA A 15 -2.46 -8.68 -0.83
CA ALA A 15 -1.46 -9.72 -0.90
C ALA A 15 -1.23 -10.39 0.46
N LYS A 16 -2.33 -10.87 1.07
CA LYS A 16 -2.39 -11.56 2.36
C LYS A 16 -2.26 -10.60 3.55
N NH2 A 17 -3.46 -10.27 4.19
HN1 NH2 A 17 -3.22 -9.58 4.92
HN2 NH2 A 17 -4.36 -10.63 3.98
N GLY A 1 6.22 10.84 -1.82
CA GLY A 1 6.41 9.38 -1.47
C GLY A 1 5.26 8.86 -0.57
N ILE A 2 4.55 9.85 -0.04
CA ILE A 2 3.38 9.64 0.81
C ILE A 2 2.22 8.96 0.07
N LEU A 3 2.02 9.22 -1.22
CA LEU A 3 1.01 8.47 -2.00
C LEU A 3 1.50 7.08 -2.22
N SER A 4 2.81 6.94 -2.43
CA SER A 4 3.34 5.63 -2.73
C SER A 4 3.22 4.73 -1.51
N SER A 5 3.30 5.34 -0.33
CA SER A 5 3.14 4.61 0.92
C SER A 5 1.72 4.17 1.13
N LEU A 6 0.79 5.07 0.87
CA LEU A 6 -0.64 4.76 1.00
C LEU A 6 -1.03 3.68 0.04
N TRP A 7 -0.42 3.71 -1.12
CA TRP A 7 -0.70 2.72 -2.17
C TRP A 7 -0.21 1.34 -1.80
N LYS A 8 1.03 1.22 -1.31
CA LYS A 8 1.52 -0.13 -0.92
C LYS A 8 0.80 -0.63 0.28
N LYS A 9 0.28 0.27 1.08
CA LYS A 9 -0.43 -0.16 2.29
C LYS A 9 -1.66 -0.97 1.87
N LEU A 10 -2.38 -0.52 0.83
CA LEU A 10 -3.59 -1.23 0.35
C LEU A 10 -3.23 -2.56 -0.27
N LYS A 11 -2.11 -2.60 -0.99
CA LYS A 11 -1.64 -3.80 -1.64
C LYS A 11 -1.28 -4.85 -0.54
N LYS A 12 -0.79 -4.41 0.60
CA LYS A 12 -0.47 -5.31 1.73
C LYS A 12 -1.72 -6.01 2.32
N ILE A 13 -2.85 -5.32 2.31
CA ILE A 13 -4.11 -5.90 2.72
C ILE A 13 -4.47 -7.17 1.97
N ILE A 14 -4.18 -7.16 0.65
CA ILE A 14 -4.46 -8.30 -0.27
C ILE A 14 -3.34 -9.38 -0.19
N ALA A 15 -2.14 -8.89 0.06
CA ALA A 15 -0.95 -9.72 0.23
C ALA A 15 -1.09 -10.65 1.47
N LYS A 16 -1.65 -10.10 2.53
CA LYS A 16 -1.73 -10.70 3.91
C LYS A 16 -2.98 -10.19 4.64
N NH2 A 17 -2.89 -8.90 5.22
HN1 NH2 A 17 -3.82 -8.74 5.69
HN2 NH2 A 17 -2.12 -8.28 5.19
N GLY A 1 7.60 8.09 -2.74
CA GLY A 1 6.68 9.27 -2.60
C GLY A 1 5.55 9.14 -1.56
N ILE A 2 4.97 10.29 -1.26
CA ILE A 2 3.97 10.37 -0.16
C ILE A 2 2.73 9.50 -0.46
N LEU A 3 2.22 9.55 -1.68
CA LEU A 3 1.07 8.73 -2.05
C LEU A 3 1.45 7.25 -2.20
N SER A 4 2.71 6.98 -2.44
CA SER A 4 3.18 5.61 -2.64
C SER A 4 3.08 4.77 -1.38
N SER A 5 3.21 5.42 -0.23
CA SER A 5 3.17 4.68 1.03
C SER A 5 1.76 4.16 1.25
N LEU A 6 0.78 4.99 0.91
CA LEU A 6 -0.64 4.64 1.05
C LEU A 6 -0.96 3.56 0.05
N TRP A 7 -0.42 3.70 -1.16
CA TRP A 7 -0.67 2.74 -2.23
C TRP A 7 -0.19 1.33 -1.85
N LYS A 8 1.04 1.19 -1.34
CA LYS A 8 1.52 -0.14 -0.94
C LYS A 8 0.79 -0.64 0.31
N LYS A 9 0.32 0.28 1.17
CA LYS A 9 -0.44 -0.13 2.37
C LYS A 9 -1.67 -0.95 1.98
N LEU A 10 -2.45 -0.50 1.01
CA LEU A 10 -3.66 -1.23 0.62
C LEU A 10 -3.30 -2.53 -0.10
N LYS A 11 -2.15 -2.55 -0.78
CA LYS A 11 -1.72 -3.74 -1.48
C LYS A 11 -1.38 -4.86 -0.49
N LYS A 12 -0.85 -4.51 0.66
CA LYS A 12 -0.50 -5.50 1.70
C LYS A 12 -1.74 -6.21 2.25
N ILE A 13 -2.86 -5.51 2.30
CA ILE A 13 -4.09 -6.06 2.90
C ILE A 13 -4.63 -7.18 2.00
N ILE A 14 -4.53 -6.96 0.69
CA ILE A 14 -5.01 -7.94 -0.29
C ILE A 14 -4.16 -9.23 -0.18
N ALA A 15 -2.88 -9.04 0.11
CA ALA A 15 -1.92 -10.14 0.19
C ALA A 15 -2.11 -11.05 1.41
N LYS A 16 -2.26 -10.44 2.61
CA LYS A 16 -2.25 -11.13 3.95
C LYS A 16 -2.73 -10.28 5.12
N NH2 A 17 -2.07 -9.01 5.26
HN1 NH2 A 17 -2.15 -8.38 6.03
HN2 NH2 A 17 -1.50 -8.86 4.42
N GLY A 1 8.16 8.80 -3.39
CA GLY A 1 6.92 9.58 -3.18
C GLY A 1 6.01 9.14 -2.03
N ILE A 2 5.22 10.12 -1.55
CA ILE A 2 4.35 9.98 -0.38
C ILE A 2 3.12 9.13 -0.69
N LEU A 3 2.53 9.35 -1.85
CA LEU A 3 1.33 8.62 -2.27
C LEU A 3 1.59 7.12 -2.34
N SER A 4 2.84 6.77 -2.66
CA SER A 4 3.28 5.39 -2.75
C SER A 4 3.11 4.62 -1.44
N SER A 5 3.28 5.30 -0.29
CA SER A 5 3.13 4.68 1.03
C SER A 5 1.71 4.18 1.18
N LEU A 6 0.76 5.06 0.91
CA LEU A 6 -0.65 4.71 1.06
C LEU A 6 -0.99 3.60 0.10
N TRP A 7 -0.45 3.72 -1.11
CA TRP A 7 -0.72 2.75 -2.18
C TRP A 7 -0.21 1.36 -1.78
N LYS A 8 1.01 1.26 -1.28
CA LYS A 8 1.53 -0.05 -0.85
C LYS A 8 0.77 -0.61 0.36
N LYS A 9 0.18 0.26 1.17
CA LYS A 9 -0.59 -0.18 2.34
C LYS A 9 -1.77 -1.02 1.88
N LEU A 10 -2.49 -0.59 0.84
CA LEU A 10 -3.62 -1.41 0.34
C LEU A 10 -3.08 -2.65 -0.37
N LYS A 11 -1.92 -2.54 -0.99
CA LYS A 11 -1.28 -3.69 -1.63
C LYS A 11 -0.90 -4.79 -0.62
N LYS A 12 -0.67 -4.43 0.63
CA LYS A 12 -0.42 -5.43 1.67
C LYS A 12 -1.63 -6.33 1.85
N ILE A 13 -2.82 -5.76 1.75
CA ILE A 13 -4.03 -6.54 1.97
C ILE A 13 -4.16 -7.63 0.91
N ILE A 14 -3.74 -7.29 -0.30
CA ILE A 14 -3.77 -8.23 -1.43
C ILE A 14 -2.65 -9.27 -1.27
N ALA A 15 -1.53 -8.86 -0.69
CA ALA A 15 -0.35 -9.70 -0.64
C ALA A 15 -0.44 -10.88 0.34
N LYS A 16 -0.89 -10.58 1.58
CA LYS A 16 -1.00 -11.53 2.77
C LYS A 16 -1.70 -10.87 4.01
N NH2 A 17 -2.75 -9.95 3.72
HN1 NH2 A 17 -3.19 -9.36 4.39
HN2 NH2 A 17 -2.97 -10.00 2.71
N GLY A 1 6.73 8.85 -2.98
CA GLY A 1 6.19 9.79 -1.97
C GLY A 1 5.22 9.22 -0.96
N ILE A 2 4.53 10.12 -0.26
CA ILE A 2 3.52 9.75 0.74
C ILE A 2 2.37 8.94 0.08
N LEU A 3 2.06 9.32 -1.16
CA LEU A 3 1.02 8.62 -1.92
C LEU A 3 1.42 7.18 -2.16
N SER A 4 2.67 6.96 -2.47
CA SER A 4 3.18 5.61 -2.70
C SER A 4 3.13 4.74 -1.46
N SER A 5 3.28 5.36 -0.29
CA SER A 5 3.19 4.64 0.98
C SER A 5 1.76 4.18 1.19
N LEU A 6 0.82 5.06 0.88
CA LEU A 6 -0.60 4.73 0.99
C LEU A 6 -0.95 3.59 0.03
N TRP A 7 -0.42 3.68 -1.17
CA TRP A 7 -0.67 2.71 -2.23
C TRP A 7 -0.21 1.31 -1.81
N LYS A 8 1.01 1.18 -1.31
CA LYS A 8 1.48 -0.16 -0.90
C LYS A 8 0.82 -0.63 0.40
N LYS A 9 0.43 0.30 1.25
CA LYS A 9 -0.34 -0.05 2.46
C LYS A 9 -1.60 -0.80 2.09
N LEU A 10 -2.38 -0.29 1.14
CA LEU A 10 -3.63 -0.95 0.77
C LEU A 10 -3.37 -2.26 0.02
N LYS A 11 -2.22 -2.34 -0.66
CA LYS A 11 -1.86 -3.56 -1.38
C LYS A 11 -1.51 -4.71 -0.44
N LYS A 12 -1.15 -4.40 0.80
CA LYS A 12 -0.88 -5.44 1.79
C LYS A 12 -2.07 -6.37 2.00
N ILE A 13 -3.27 -5.83 1.82
CA ILE A 13 -4.50 -6.58 2.01
C ILE A 13 -4.63 -7.65 0.92
N ILE A 14 -4.05 -7.38 -0.23
CA ILE A 14 -4.06 -8.34 -1.36
C ILE A 14 -2.84 -9.28 -1.28
N ALA A 15 -1.73 -8.77 -0.77
CA ALA A 15 -0.48 -9.52 -0.72
C ALA A 15 -0.36 -10.47 0.50
N LYS A 16 -1.03 -11.65 0.36
CA LYS A 16 -1.06 -12.81 1.31
C LYS A 16 -1.96 -12.54 2.52
N NH2 A 17 -3.33 -12.74 2.23
HN1 NH2 A 17 -3.87 -12.47 3.05
HN2 NH2 A 17 -3.71 -13.08 1.37
N GLY A 1 7.42 8.02 -2.83
CA GLY A 1 6.73 9.24 -2.27
C GLY A 1 5.58 8.90 -1.31
N ILE A 2 4.95 9.95 -0.77
CA ILE A 2 3.88 9.76 0.21
C ILE A 2 2.64 9.01 -0.32
N LEU A 3 2.26 9.30 -1.57
CA LEU A 3 1.13 8.55 -2.17
C LEU A 3 1.50 7.06 -2.31
N SER A 4 2.78 6.78 -2.55
CA SER A 4 3.26 5.42 -2.76
C SER A 4 3.18 4.61 -1.47
N SER A 5 3.34 5.29 -0.36
CA SER A 5 3.18 4.65 0.96
C SER A 5 1.78 4.16 1.15
N LEU A 6 0.80 5.05 0.95
CA LEU A 6 -0.60 4.74 1.00
C LEU A 6 -0.99 3.61 0.03
N TRP A 7 -0.47 3.73 -1.17
CA TRP A 7 -0.70 2.76 -2.16
C TRP A 7 -0.21 1.36 -1.75
N LYS A 8 1.01 1.26 -1.25
CA LYS A 8 1.51 -0.04 -0.82
C LYS A 8 0.82 -0.57 0.43
N LYS A 9 0.21 0.28 1.21
CA LYS A 9 -0.48 -0.14 2.45
C LYS A 9 -1.68 -0.99 2.07
N LEU A 10 -2.35 -0.62 0.97
CA LEU A 10 -3.51 -1.40 0.52
C LEU A 10 -3.05 -2.62 -0.23
N LYS A 11 -1.90 -2.56 -0.91
CA LYS A 11 -1.34 -3.70 -1.62
C LYS A 11 -1.06 -4.85 -0.63
N LYS A 12 -0.89 -4.53 0.64
CA LYS A 12 -0.74 -5.57 1.72
C LYS A 12 -1.97 -6.48 1.82
N ILE A 13 -3.14 -5.91 1.64
CA ILE A 13 -4.38 -6.66 1.71
C ILE A 13 -4.42 -7.69 0.59
N ILE A 14 -3.90 -7.32 -0.57
CA ILE A 14 -3.88 -8.22 -1.71
C ILE A 14 -2.79 -9.26 -1.51
N ALA A 15 -1.64 -8.85 -1.02
CA ALA A 15 -0.50 -9.71 -0.83
C ALA A 15 -0.59 -10.52 0.50
N LYS A 16 -1.63 -11.37 0.59
CA LYS A 16 -1.91 -12.29 1.75
C LYS A 16 -2.00 -11.53 3.09
N NH2 A 17 -3.12 -10.67 3.20
HN1 NH2 A 17 -3.48 -10.25 4.03
HN2 NH2 A 17 -3.52 -10.57 2.27
N GLY A 1 6.32 11.88 -2.15
CA GLY A 1 6.24 10.47 -2.65
C GLY A 1 5.47 9.56 -1.73
N ILE A 2 4.87 10.21 -0.73
CA ILE A 2 4.08 9.56 0.33
C ILE A 2 2.84 8.86 -0.21
N LEU A 3 2.45 9.21 -1.43
CA LEU A 3 1.32 8.56 -2.10
C LEU A 3 1.63 7.07 -2.29
N SER A 4 2.89 6.75 -2.54
CA SER A 4 3.29 5.37 -2.74
C SER A 4 3.11 4.56 -1.46
N SER A 5 3.37 5.16 -0.31
CA SER A 5 3.18 4.46 0.97
C SER A 5 1.71 4.13 1.19
N LEU A 6 0.83 5.07 0.86
CA LEU A 6 -0.62 4.84 0.98
C LEU A 6 -1.03 3.73 0.05
N TRP A 7 -0.46 3.74 -1.14
CA TRP A 7 -0.78 2.74 -2.15
C TRP A 7 -0.25 1.35 -1.72
N LYS A 8 0.96 1.27 -1.20
CA LYS A 8 1.54 -0.02 -0.80
C LYS A 8 0.82 -0.59 0.40
N LYS A 9 0.22 0.28 1.21
CA LYS A 9 -0.63 -0.17 2.32
C LYS A 9 -1.78 -1.01 1.76
N LEU A 10 -2.32 -0.64 0.60
CA LEU A 10 -3.39 -1.43 -0.03
C LEU A 10 -2.80 -2.74 -0.55
N LYS A 11 -1.62 -2.67 -1.18
CA LYS A 11 -1.01 -3.86 -1.77
C LYS A 11 -0.74 -4.92 -0.73
N LYS A 12 -0.28 -4.50 0.45
CA LYS A 12 0.06 -5.47 1.50
C LYS A 12 -1.15 -6.29 1.96
N ILE A 13 -2.34 -5.72 1.89
CA ILE A 13 -3.55 -6.44 2.32
C ILE A 13 -3.90 -7.50 1.28
N ILE A 14 -3.68 -7.18 0.01
CA ILE A 14 -3.95 -8.13 -1.08
C ILE A 14 -2.86 -9.21 -1.11
N ALA A 15 -1.62 -8.80 -0.92
CA ALA A 15 -0.48 -9.71 -0.87
C ALA A 15 -0.11 -9.89 0.61
N LYS A 16 -0.97 -10.67 1.29
CA LYS A 16 -0.94 -10.96 2.74
C LYS A 16 -0.66 -12.45 3.04
N NH2 A 17 -1.35 -13.38 2.25
HN1 NH2 A 17 -1.08 -14.32 2.54
HN2 NH2 A 17 -2.00 -13.16 1.51
N GLY A 1 6.25 11.27 -1.77
CA GLY A 1 6.14 9.79 -1.97
C GLY A 1 5.15 9.14 -1.02
N ILE A 2 4.44 10.02 -0.34
CA ILE A 2 3.43 9.64 0.65
C ILE A 2 2.28 8.86 0.00
N LEU A 3 1.99 9.15 -1.26
CA LEU A 3 0.94 8.42 -1.97
C LEU A 3 1.40 6.99 -2.23
N SER A 4 2.69 6.81 -2.53
CA SER A 4 3.22 5.47 -2.77
C SER A 4 3.14 4.64 -1.50
N SER A 5 3.36 5.28 -0.36
CA SER A 5 3.24 4.58 0.92
C SER A 5 1.80 4.17 1.18
N LEU A 6 0.85 5.04 0.85
CA LEU A 6 -0.57 4.73 1.01
C LEU A 6 -0.94 3.60 0.06
N TRP A 7 -0.45 3.68 -1.16
CA TRP A 7 -0.74 2.70 -2.18
C TRP A 7 -0.19 1.33 -1.76
N LYS A 8 1.01 1.29 -1.19
CA LYS A 8 1.59 0.02 -0.72
C LYS A 8 0.78 -0.50 0.46
N LYS A 9 0.28 0.40 1.29
CA LYS A 9 -0.56 0.01 2.44
C LYS A 9 -1.82 -0.70 1.98
N LEU A 10 -2.44 -0.26 0.88
CA LEU A 10 -3.63 -0.96 0.36
C LEU A 10 -3.25 -2.23 -0.42
N LYS A 11 -2.11 -2.20 -1.10
CA LYS A 11 -1.65 -3.37 -1.86
C LYS A 11 -1.30 -4.52 -0.92
N LYS A 12 -0.84 -4.19 0.27
CA LYS A 12 -0.53 -5.19 1.30
C LYS A 12 -1.70 -6.10 1.61
N ILE A 13 -2.91 -5.56 1.56
CA ILE A 13 -4.12 -6.34 1.86
C ILE A 13 -4.27 -7.49 0.87
N ILE A 14 -3.98 -7.21 -0.39
CA ILE A 14 -4.09 -8.21 -1.45
C ILE A 14 -2.90 -9.18 -1.38
N ALA A 15 -1.75 -8.65 -0.97
CA ALA A 15 -0.53 -9.43 -0.91
C ALA A 15 -0.57 -10.55 0.15
N LYS A 16 -0.97 -10.18 1.38
CA LYS A 16 -1.04 -11.07 2.60
C LYS A 16 -1.60 -10.31 3.80
N NH2 A 17 -2.73 -10.88 4.41
HN1 NH2 A 17 -3.08 -10.24 5.11
HN2 NH2 A 17 -3.13 -11.78 4.17
N GLY A 1 5.08 12.43 -2.86
CA GLY A 1 5.37 11.01 -3.21
C GLY A 1 4.90 10.03 -2.17
N ILE A 2 4.31 10.63 -1.14
CA ILE A 2 3.76 9.93 0.02
C ILE A 2 2.58 9.03 -0.36
N LEU A 3 2.01 9.28 -1.54
CA LEU A 3 0.93 8.46 -2.05
C LEU A 3 1.41 7.02 -2.25
N SER A 4 2.69 6.83 -2.54
CA SER A 4 3.22 5.48 -2.71
C SER A 4 3.13 4.66 -1.43
N SER A 5 3.27 5.30 -0.29
CA SER A 5 3.18 4.59 0.98
C SER A 5 1.76 4.18 1.24
N LEU A 6 0.82 5.06 0.89
CA LEU A 6 -0.61 4.74 1.02
C LEU A 6 -0.95 3.60 0.07
N TRP A 7 -0.42 3.69 -1.14
CA TRP A 7 -0.69 2.70 -2.16
C TRP A 7 -0.19 1.34 -1.76
N LYS A 8 1.03 1.24 -1.27
CA LYS A 8 1.57 -0.07 -0.88
C LYS A 8 0.86 -0.62 0.35
N LYS A 9 0.29 0.24 1.19
CA LYS A 9 -0.52 -0.28 2.30
C LYS A 9 -1.81 -0.91 1.79
N LEU A 10 -2.42 -0.33 0.76
CA LEU A 10 -3.62 -0.92 0.16
C LEU A 10 -3.21 -2.25 -0.50
N LYS A 11 -2.04 -2.27 -1.14
CA LYS A 11 -1.52 -3.49 -1.78
C LYS A 11 -1.29 -4.58 -0.75
N LYS A 12 -0.86 -4.20 0.45
CA LYS A 12 -0.61 -5.15 1.54
C LYS A 12 -1.88 -5.88 1.99
N ILE A 13 -3.03 -5.22 1.93
CA ILE A 13 -4.29 -5.85 2.29
C ILE A 13 -4.56 -7.01 1.33
N ILE A 14 -4.22 -6.82 0.07
CA ILE A 14 -4.41 -7.87 -0.94
C ILE A 14 -3.37 -8.96 -0.74
N ALA A 15 -2.16 -8.55 -0.40
CA ALA A 15 -1.04 -9.45 -0.12
C ALA A 15 -0.79 -9.70 1.38
N LYS A 16 -1.77 -10.43 1.98
CA LYS A 16 -1.84 -10.91 3.41
C LYS A 16 -2.15 -9.77 4.41
N NH2 A 17 -3.51 -9.65 4.73
HN1 NH2 A 17 -3.90 -9.06 5.44
HN2 NH2 A 17 -4.06 -10.27 4.11
N GLY A 1 6.59 10.88 -1.27
CA GLY A 1 6.56 9.41 -1.33
C GLY A 1 5.45 8.82 -0.52
N ILE A 2 4.67 9.71 0.07
CA ILE A 2 3.56 9.32 0.94
C ILE A 2 2.42 8.72 0.10
N LEU A 3 2.31 9.11 -1.15
CA LEU A 3 1.31 8.54 -2.04
C LEU A 3 1.64 7.07 -2.29
N SER A 4 2.92 6.82 -2.53
CA SER A 4 3.40 5.47 -2.75
C SER A 4 3.24 4.64 -1.48
N SER A 5 3.36 5.28 -0.32
CA SER A 5 3.18 4.59 0.97
C SER A 5 1.73 4.18 1.17
N LEU A 6 0.81 5.10 0.85
CA LEU A 6 -0.62 4.82 0.97
C LEU A 6 -1.00 3.67 0.05
N TRP A 7 -0.52 3.73 -1.19
CA TRP A 7 -0.77 2.69 -2.17
C TRP A 7 -0.23 1.36 -1.71
N LYS A 8 1.00 1.30 -1.21
CA LYS A 8 1.58 0.00 -0.85
C LYS A 8 0.85 -0.58 0.35
N LYS A 9 0.36 0.23 1.27
CA LYS A 9 -0.41 -0.30 2.41
C LYS A 9 -1.64 -1.08 1.96
N LEU A 10 -2.42 -0.55 1.03
CA LEU A 10 -3.60 -1.30 0.57
C LEU A 10 -3.18 -2.54 -0.21
N LYS A 11 -1.99 -2.51 -0.82
CA LYS A 11 -1.50 -3.66 -1.58
C LYS A 11 -1.16 -4.83 -0.66
N LYS A 12 -0.72 -4.54 0.57
CA LYS A 12 -0.37 -5.63 1.53
C LYS A 12 -1.54 -6.55 1.78
N ILE A 13 -2.72 -5.97 1.92
CA ILE A 13 -3.93 -6.71 2.31
C ILE A 13 -4.30 -7.74 1.24
N ILE A 14 -4.12 -7.37 -0.02
CA ILE A 14 -4.43 -8.27 -1.13
C ILE A 14 -3.34 -9.32 -1.34
N ALA A 15 -2.10 -8.93 -1.07
CA ALA A 15 -0.96 -9.77 -1.36
C ALA A 15 -0.79 -10.98 -0.43
N LYS A 16 -0.88 -10.72 0.89
CA LYS A 16 -0.62 -11.72 1.97
C LYS A 16 -1.14 -11.27 3.37
N NH2 A 17 -0.52 -10.11 3.89
HN1 NH2 A 17 -0.68 -9.72 4.79
HN2 NH2 A 17 0.11 -9.74 3.18
#